data_4WZC
#
_entry.id   4WZC
#
_cell.length_a   58.282
_cell.length_b   58.282
_cell.length_c   230.605
_cell.angle_alpha   90.00
_cell.angle_beta   90.00
_cell.angle_gamma   120.00
#
_symmetry.space_group_name_H-M   'P 65 2 2'
#
loop_
_entity.id
_entity.type
_entity.pdbx_description
1 polymer '3-hydroxyanthranilate 3,4-dioxygenase'
2 non-polymer 'FE (II) ION'
3 non-polymer '(2E)-2-amino-3-[(1E)-3-oxoprop-1-en-1-yl]but-2-enedioic acid'
4 water water
#
_entity_poly.entity_id   1
_entity_poly.type   'polypeptide(L)'
_entity_poly.pdbx_seq_one_letter_code
;HHHMLTYGAPFNFPRWIDEHAHLLKPPVGNRQVWQDSDFIVTVVGGPNHRTDYHDDPLEEFFYQLRGNAYLNLWVDGRRE
RADLKEGDIFLLPPHVRHSPQRPEAGSACLVIERQRPAGMLDGFEWYCDACGHLVHRVEVQLKSAVTDLPPLFESFYASE
DKRRCPHCGQVHPGRAA
;
_entity_poly.pdbx_strand_id   A
#
loop_
_chem_comp.id
_chem_comp.type
_chem_comp.name
_chem_comp.formula
1UC non-polymer '(2E)-2-amino-3-[(1E)-3-oxoprop-1-en-1-yl]but-2-enedioic acid' 'C7 H7 N O5'
FE2 non-polymer 'FE (II) ION' 'Fe 2'
#
# COMPACT_ATOMS: atom_id res chain seq x y z
N MET A 4 -4.38 -3.09 31.95
CA MET A 4 -3.25 -4.03 31.68
C MET A 4 -2.64 -3.76 30.28
N LEU A 5 -1.44 -4.30 30.06
CA LEU A 5 -0.69 -4.22 28.79
C LEU A 5 -1.24 -5.23 27.82
N THR A 6 -2.34 -4.81 27.23
CA THR A 6 -3.03 -5.55 26.21
C THR A 6 -2.09 -5.90 25.05
N TYR A 7 -1.09 -5.07 24.78
CA TYR A 7 -0.24 -5.24 23.62
C TYR A 7 1.13 -5.78 24.02
N GLY A 8 1.23 -6.22 25.28
CA GLY A 8 2.46 -6.78 25.78
C GLY A 8 3.48 -5.73 26.14
N ALA A 9 4.66 -6.19 26.49
CA ALA A 9 5.72 -5.31 26.95
C ALA A 9 6.52 -4.82 25.73
N PRO A 10 7.41 -3.86 25.95
CA PRO A 10 8.33 -3.40 24.92
C PRO A 10 9.23 -4.54 24.44
N PHE A 11 9.66 -4.48 23.19
CA PHE A 11 10.53 -5.55 22.66
C PHE A 11 11.42 -4.98 21.58
N ASN A 12 12.56 -5.63 21.36
CA ASN A 12 13.54 -5.19 20.39
C ASN A 12 13.06 -5.32 18.94
N PHE A 13 12.94 -4.16 18.27
CA PHE A 13 12.35 -4.11 16.93
C PHE A 13 13.25 -4.77 15.85
N PRO A 14 14.56 -4.47 15.85
CA PRO A 14 15.38 -5.14 14.82
C PRO A 14 15.36 -6.65 14.90
N ARG A 15 15.37 -7.18 16.12
CA ARG A 15 15.26 -8.60 16.37
C ARG A 15 13.92 -9.19 15.85
N TRP A 16 12.81 -8.50 16.18
CA TRP A 16 11.49 -8.85 15.66
C TRP A 16 11.49 -8.88 14.13
N ILE A 17 12.11 -7.89 13.49
CA ILE A 17 12.10 -7.86 12.02
C ILE A 17 12.87 -9.08 11.46
N ASP A 18 14.08 -9.32 12.01
CA ASP A 18 14.88 -10.46 11.60
C ASP A 18 14.10 -11.75 11.74
N GLU A 19 13.46 -11.91 12.89
CA GLU A 19 12.70 -13.12 13.15
C GLU A 19 11.49 -13.27 12.23
N HIS A 20 10.99 -12.17 11.65
CA HIS A 20 9.86 -12.27 10.75
C HIS A 20 10.26 -12.08 9.30
N ALA A 21 11.56 -12.15 9.02
CA ALA A 21 12.06 -11.86 7.67
C ALA A 21 11.43 -12.74 6.62
N HIS A 22 11.05 -13.97 6.98
CA HIS A 22 10.47 -14.89 6.00
C HIS A 22 9.07 -14.46 5.60
N LEU A 23 8.45 -13.57 6.39
CA LEU A 23 7.11 -13.04 6.07
C LEU A 23 7.17 -11.67 5.40
N LEU A 24 8.36 -11.07 5.37
CA LEU A 24 8.59 -9.75 4.75
C LEU A 24 9.14 -9.88 3.31
N LYS A 25 8.71 -10.95 2.67
CA LYS A 25 9.07 -11.24 1.28
C LYS A 25 7.86 -11.89 0.62
N PRO A 26 7.84 -11.92 -0.72
CA PRO A 26 6.74 -12.64 -1.38
C PRO A 26 6.59 -14.07 -0.82
N PRO A 27 5.36 -14.59 -0.79
CA PRO A 27 4.10 -14.01 -1.28
C PRO A 27 3.34 -13.11 -0.30
N VAL A 28 3.88 -12.92 0.92
CA VAL A 28 3.15 -12.24 1.99
C VAL A 28 3.55 -10.77 2.00
N GLY A 29 4.84 -10.53 2.19
CA GLY A 29 5.36 -9.21 1.95
C GLY A 29 5.24 -8.26 3.13
N ASN A 30 4.26 -8.46 4.00
CA ASN A 30 4.11 -7.57 5.19
C ASN A 30 3.62 -8.28 6.43
N ARG A 31 3.68 -7.60 7.56
CA ARG A 31 3.30 -8.20 8.81
C ARG A 31 2.90 -7.11 9.77
N GLN A 32 1.65 -7.15 10.24
CA GLN A 32 1.18 -6.26 11.32
C GLN A 32 1.80 -6.62 12.66
N VAL A 33 2.26 -5.61 13.41
CA VAL A 33 2.95 -5.87 14.63
C VAL A 33 2.01 -6.27 15.75
N TRP A 34 0.97 -5.46 16.00
CA TRP A 34 -0.02 -5.75 17.02
C TRP A 34 -1.36 -5.95 16.37
N GLN A 35 -2.19 -6.80 16.96
CA GLN A 35 -3.56 -7.04 16.46
C GLN A 35 -4.62 -6.29 17.25
N ASP A 36 -5.66 -5.86 16.54
CA ASP A 36 -6.88 -5.30 17.11
C ASP A 36 -6.65 -3.95 17.78
N SER A 37 -5.61 -3.25 17.36
CA SER A 37 -5.28 -1.95 17.93
C SER A 37 -5.82 -0.86 17.02
N ASP A 38 -5.92 0.34 17.57
CA ASP A 38 -6.43 1.50 16.86
C ASP A 38 -5.40 1.94 15.84
N PHE A 39 -4.13 1.96 16.27
CA PHE A 39 -3.02 2.24 15.39
C PHE A 39 -2.70 0.94 14.66
N ILE A 40 -2.68 0.99 13.34
CA ILE A 40 -2.30 -0.18 12.53
C ILE A 40 -0.83 -0.06 12.22
N VAL A 41 -0.01 -0.86 12.90
CA VAL A 41 1.43 -0.74 12.76
C VAL A 41 1.90 -1.97 11.95
N THR A 42 2.49 -1.69 10.79
CA THR A 42 2.88 -2.73 9.82
C THR A 42 4.34 -2.57 9.44
N VAL A 43 5.04 -3.69 9.26
CA VAL A 43 6.34 -3.66 8.59
C VAL A 43 6.16 -4.26 7.20
N VAL A 44 6.60 -3.52 6.18
CA VAL A 44 6.45 -3.94 4.80
C VAL A 44 7.83 -4.19 4.21
N GLY A 45 8.01 -5.38 3.62
CA GLY A 45 9.29 -5.74 3.06
C GLY A 45 9.27 -5.68 1.54
N GLY A 46 10.00 -6.57 0.91
CA GLY A 46 10.06 -6.55 -0.54
C GLY A 46 10.68 -7.84 -0.99
N PRO A 47 10.79 -8.02 -2.30
CA PRO A 47 10.35 -7.14 -3.37
C PRO A 47 8.85 -7.16 -3.57
N ASN A 48 8.31 -6.01 -3.96
CA ASN A 48 6.95 -5.96 -4.44
C ASN A 48 6.80 -4.71 -5.30
N HIS A 49 6.16 -4.83 -6.47
CA HIS A 49 5.73 -3.67 -7.25
C HIS A 49 4.22 -3.79 -7.35
N ARG A 50 3.56 -2.71 -7.74
CA ARG A 50 2.12 -2.76 -7.89
C ARG A 50 1.63 -1.61 -8.75
N THR A 51 0.40 -1.75 -9.24
CA THR A 51 -0.18 -0.82 -10.19
C THR A 51 -1.32 -0.03 -9.63
N ASP A 52 -1.84 -0.45 -8.48
CA ASP A 52 -2.93 0.24 -7.82
C ASP A 52 -2.50 1.49 -7.02
N TYR A 53 -3.34 2.53 -7.08
CA TYR A 53 -3.17 3.69 -6.23
C TYR A 53 -4.19 3.63 -5.11
N HIS A 54 -3.72 3.89 -3.89
CA HIS A 54 -4.57 3.95 -2.70
C HIS A 54 -5.03 5.40 -2.41
N ASP A 55 -6.33 5.53 -2.14
CA ASP A 55 -6.96 6.75 -1.65
C ASP A 55 -7.37 6.49 -0.21
N ASP A 56 -6.49 6.86 0.72
CA ASP A 56 -6.70 6.64 2.15
C ASP A 56 -7.37 7.90 2.75
N PRO A 57 -8.51 7.73 3.45
CA PRO A 57 -9.25 8.87 3.99
C PRO A 57 -8.55 9.48 5.22
N LEU A 58 -7.45 8.85 5.63
CA LEU A 58 -6.67 9.29 6.78
C LEU A 58 -5.19 9.34 6.43
N GLU A 59 -4.39 9.83 7.36
CA GLU A 59 -2.96 9.96 7.11
C GLU A 59 -2.25 8.62 7.14
N GLU A 60 -1.09 8.57 6.50
CA GLU A 60 -0.18 7.44 6.58
C GLU A 60 1.21 7.92 6.91
N PHE A 61 1.82 7.29 7.90
CA PHE A 61 3.20 7.57 8.28
C PHE A 61 4.15 6.47 7.84
N PHE A 62 5.27 6.88 7.27
CA PHE A 62 6.30 5.99 6.78
C PHE A 62 7.65 6.25 7.42
N TYR A 63 8.34 5.18 7.80
CA TYR A 63 9.74 5.29 8.22
C TYR A 63 10.50 4.11 7.59
N GLN A 64 11.30 4.43 6.58
CA GLN A 64 12.03 3.41 5.85
C GLN A 64 13.26 2.99 6.65
N LEU A 65 13.13 1.85 7.30
CA LEU A 65 14.13 1.39 8.25
C LEU A 65 15.31 0.71 7.61
N ARG A 66 15.07 -0.01 6.51
CA ARG A 66 16.09 -0.81 5.88
C ARG A 66 15.81 -0.76 4.39
N GLY A 67 16.84 -0.49 3.60
CA GLY A 67 16.68 -0.54 2.15
C GLY A 67 16.00 0.72 1.69
N ASN A 68 15.60 0.72 0.42
CA ASN A 68 14.98 1.89 -0.21
C ASN A 68 13.72 1.49 -0.97
N ALA A 69 12.79 2.44 -1.07
CA ALA A 69 11.55 2.23 -1.78
C ALA A 69 11.12 3.57 -2.33
N TYR A 70 10.00 3.61 -3.03
CA TYR A 70 9.47 4.88 -3.51
C TYR A 70 7.96 4.80 -3.71
N LEU A 71 7.30 5.95 -3.73
CA LEU A 71 5.86 6.03 -3.89
C LEU A 71 5.57 6.76 -5.19
N ASN A 72 4.87 6.11 -6.11
CA ASN A 72 4.32 6.85 -7.22
C ASN A 72 3.08 7.55 -6.72
N LEU A 73 2.98 8.84 -7.03
CA LEU A 73 1.88 9.68 -6.58
C LEU A 73 1.18 10.38 -7.74
N TRP A 74 -0.02 10.84 -7.46
CA TRP A 74 -0.61 11.95 -8.20
C TRP A 74 -0.62 13.17 -7.30
N VAL A 75 0.10 14.20 -7.73
CA VAL A 75 0.12 15.48 -7.00
C VAL A 75 -0.27 16.61 -7.93
N ASP A 76 -1.38 17.26 -7.63
CA ASP A 76 -1.82 18.44 -8.38
C ASP A 76 -2.02 18.11 -9.87
N GLY A 77 -2.63 16.95 -10.14
CA GLY A 77 -2.98 16.58 -11.50
C GLY A 77 -1.84 15.95 -12.27
N ARG A 78 -0.64 15.97 -11.70
CA ARG A 78 0.56 15.45 -12.35
C ARG A 78 1.02 14.19 -11.66
N ARG A 79 1.70 13.32 -12.40
CA ARG A 79 2.30 12.15 -11.82
C ARG A 79 3.63 12.55 -11.19
N GLU A 80 3.87 12.10 -9.96
CA GLU A 80 5.10 12.40 -9.23
C GLU A 80 5.67 11.17 -8.47
N ARG A 81 6.88 11.30 -7.96
CA ARG A 81 7.50 10.22 -7.22
C ARG A 81 8.08 10.78 -5.94
N ALA A 82 7.81 10.11 -4.84
CA ALA A 82 8.44 10.43 -3.55
C ALA A 82 9.36 9.26 -3.22
N ASP A 83 10.67 9.50 -3.22
CA ASP A 83 11.62 8.46 -2.84
C ASP A 83 11.63 8.26 -1.32
N LEU A 84 11.61 7.01 -0.89
CA LEU A 84 11.84 6.65 0.51
C LEU A 84 13.18 5.97 0.65
N LYS A 85 14.23 6.76 0.75
CA LYS A 85 15.56 6.17 0.93
C LYS A 85 15.75 5.76 2.37
N GLU A 86 16.67 4.84 2.59
CA GLU A 86 16.87 4.29 3.91
C GLU A 86 17.06 5.45 4.86
N GLY A 87 16.31 5.42 5.96
CA GLY A 87 16.37 6.44 6.98
C GLY A 87 15.35 7.55 6.85
N ASP A 88 14.61 7.57 5.74
CA ASP A 88 13.64 8.61 5.47
C ASP A 88 12.35 8.41 6.24
N ILE A 89 11.75 9.52 6.66
CA ILE A 89 10.37 9.52 7.16
C ILE A 89 9.53 10.44 6.30
N PHE A 90 8.23 10.28 6.41
CA PHE A 90 7.24 10.87 5.49
C PHE A 90 5.86 10.73 6.10
N LEU A 91 5.08 11.79 6.01
CA LEU A 91 3.69 11.76 6.42
C LEU A 91 2.85 12.13 5.22
N LEU A 92 2.03 11.18 4.78
CA LEU A 92 1.19 11.37 3.60
C LEU A 92 -0.15 11.96 4.01
N PRO A 93 -0.58 13.07 3.38
CA PRO A 93 -1.88 13.62 3.78
C PRO A 93 -3.05 12.74 3.29
N PRO A 94 -4.25 12.88 3.87
CA PRO A 94 -5.42 12.10 3.41
C PRO A 94 -5.67 12.29 1.94
N HIS A 95 -6.08 11.22 1.28
CA HIS A 95 -6.59 11.26 -0.11
C HIS A 95 -5.55 11.47 -1.22
N VAL A 96 -4.29 11.66 -0.88
CA VAL A 96 -3.25 11.71 -1.91
C VAL A 96 -3.04 10.31 -2.47
N ARG A 97 -3.31 10.14 -3.76
CA ARG A 97 -3.21 8.84 -4.39
C ARG A 97 -1.74 8.40 -4.40
N HIS A 98 -1.50 7.19 -3.92
CA HIS A 98 -0.14 6.66 -3.85
C HIS A 98 -0.08 5.16 -4.16
N SER A 99 0.99 4.77 -4.83
CA SER A 99 1.26 3.40 -5.23
C SER A 99 2.69 3.04 -4.82
N PRO A 100 2.87 2.31 -3.69
CA PRO A 100 4.23 2.01 -3.23
C PRO A 100 4.92 0.93 -4.02
N GLN A 101 6.19 1.19 -4.33
CA GLN A 101 7.05 0.28 -5.07
C GLN A 101 8.22 -0.08 -4.16
N ARG A 102 8.43 -1.37 -3.93
CA ARG A 102 9.48 -1.83 -3.02
C ARG A 102 10.34 -2.87 -3.70
N PRO A 103 11.30 -2.40 -4.49
CA PRO A 103 12.02 -3.37 -5.35
C PRO A 103 13.11 -4.22 -4.64
N GLU A 104 13.53 -3.77 -3.46
CA GLU A 104 14.65 -4.39 -2.77
C GLU A 104 14.23 -5.50 -1.81
N ALA A 105 14.89 -6.64 -1.96
CA ALA A 105 14.74 -7.75 -1.02
C ALA A 105 15.42 -7.32 0.27
N GLY A 106 14.91 -7.77 1.40
CA GLY A 106 15.50 -7.36 2.67
C GLY A 106 15.21 -5.93 3.12
N SER A 107 14.42 -5.18 2.36
CA SER A 107 14.02 -3.87 2.80
C SER A 107 12.94 -4.03 3.88
N ALA A 108 12.77 -2.98 4.69
CA ALA A 108 11.74 -2.97 5.72
C ALA A 108 11.30 -1.54 5.97
N CYS A 109 9.99 -1.32 5.90
CA CYS A 109 9.43 0.00 6.16
C CYS A 109 8.35 -0.07 7.24
N LEU A 110 8.48 0.78 8.25
CA LEU A 110 7.45 0.93 9.26
C LEU A 110 6.35 1.77 8.65
N VAL A 111 5.12 1.25 8.59
CA VAL A 111 3.97 2.03 8.12
C VAL A 111 2.92 2.07 9.20
N ILE A 112 2.45 3.28 9.52
CA ILE A 112 1.45 3.44 10.58
C ILE A 112 0.24 4.15 10.00
N GLU A 113 -0.91 3.52 10.21
CA GLU A 113 -2.22 4.00 9.80
C GLU A 113 -3.14 3.90 11.01
N ARG A 114 -4.36 4.41 10.90
CA ARG A 114 -5.37 4.29 11.95
C ARG A 114 -6.54 3.44 11.42
N GLN A 115 -7.22 2.72 12.30
CA GLN A 115 -8.52 2.13 11.93
C GLN A 115 -9.48 3.20 11.43
N ARG A 116 -10.21 2.84 10.38
CA ARG A 116 -11.20 3.73 9.79
C ARG A 116 -12.53 3.53 10.52
N PRO A 117 -13.18 4.63 10.91
CA PRO A 117 -14.54 4.51 11.46
C PRO A 117 -15.53 4.05 10.39
N ALA A 118 -16.63 3.48 10.84
CA ALA A 118 -17.70 3.07 9.94
C ALA A 118 -18.11 4.25 9.09
N GLY A 119 -18.14 4.06 7.78
CA GLY A 119 -18.62 5.08 6.85
C GLY A 119 -17.50 5.88 6.21
N MET A 120 -16.28 5.72 6.71
CA MET A 120 -15.13 6.34 6.10
C MET A 120 -14.44 5.30 5.24
N LEU A 121 -14.55 5.47 3.91
CA LEU A 121 -14.10 4.44 2.99
C LEU A 121 -12.76 4.73 2.35
N ASP A 122 -12.08 3.64 2.03
CA ASP A 122 -10.85 3.64 1.25
C ASP A 122 -11.18 3.41 -0.22
N GLY A 123 -10.38 4.01 -1.10
CA GLY A 123 -10.46 3.78 -2.53
C GLY A 123 -9.19 3.15 -3.08
N PHE A 124 -9.35 2.28 -4.09
CA PHE A 124 -8.23 1.75 -4.82
C PHE A 124 -8.54 1.99 -6.27
N GLU A 125 -7.57 2.54 -6.99
CA GLU A 125 -7.75 3.12 -8.31
C GLU A 125 -6.63 2.69 -9.26
N TRP A 126 -6.95 2.55 -10.55
CA TRP A 126 -5.95 2.27 -11.58
C TRP A 126 -6.09 3.32 -12.67
N TYR A 127 -4.97 3.70 -13.27
CA TYR A 127 -4.95 4.81 -14.24
C TYR A 127 -4.34 4.30 -15.52
N CYS A 128 -4.74 4.89 -16.64
CA CYS A 128 -4.29 4.42 -17.98
C CYS A 128 -2.86 4.86 -18.28
N ASP A 129 -1.97 3.90 -18.50
CA ASP A 129 -0.59 4.19 -18.91
C ASP A 129 -0.53 5.01 -20.20
N ALA A 130 -1.55 4.88 -21.04
CA ALA A 130 -1.58 5.62 -22.30
C ALA A 130 -2.04 7.06 -22.17
N CYS A 131 -3.21 7.30 -21.57
CA CYS A 131 -3.76 8.66 -21.49
C CYS A 131 -3.87 9.24 -20.06
N GLY A 132 -3.56 8.45 -19.05
CA GLY A 132 -3.62 8.95 -17.69
C GLY A 132 -5.02 9.08 -17.11
N HIS A 133 -6.05 8.72 -17.87
CA HIS A 133 -7.42 8.81 -17.35
C HIS A 133 -7.65 7.71 -16.31
N LEU A 134 -8.50 7.96 -15.31
CA LEU A 134 -8.91 6.89 -14.38
C LEU A 134 -9.55 5.75 -15.16
N VAL A 135 -9.10 4.51 -14.92
CA VAL A 135 -9.62 3.32 -15.57
C VAL A 135 -10.68 2.59 -14.70
N HIS A 136 -10.41 2.49 -13.40
CA HIS A 136 -11.32 1.74 -12.53
C HIS A 136 -11.04 2.24 -11.11
N ARG A 137 -12.10 2.41 -10.31
CA ARG A 137 -12.02 2.71 -8.86
C ARG A 137 -12.99 1.79 -8.07
N VAL A 138 -12.51 1.19 -6.97
CA VAL A 138 -13.36 0.47 -6.02
C VAL A 138 -13.23 1.16 -4.63
N GLU A 139 -14.35 1.41 -3.97
CA GLU A 139 -14.36 1.95 -2.59
C GLU A 139 -14.74 0.81 -1.66
N VAL A 140 -14.05 0.76 -0.54
CA VAL A 140 -14.14 -0.36 0.39
C VAL A 140 -14.18 0.15 1.85
N GLN A 141 -15.03 -0.44 2.69
CA GLN A 141 -14.89 -0.21 4.15
C GLN A 141 -13.82 -1.14 4.65
N LEU A 142 -12.66 -0.58 4.99
CA LEU A 142 -11.49 -1.41 5.22
C LEU A 142 -11.35 -1.80 6.69
N LYS A 143 -11.62 -3.07 6.94
CA LYS A 143 -11.61 -3.66 8.27
C LYS A 143 -10.34 -4.51 8.40
N SER A 144 -10.27 -5.44 7.45
CA SER A 144 -9.26 -6.48 7.38
C SER A 144 -8.86 -6.71 5.95
N ALA A 145 -7.73 -6.17 5.92
CA ALA A 145 -6.70 -5.97 4.92
C ALA A 145 -6.26 -7.28 4.29
N VAL A 146 -6.07 -8.06 4.96
CA VAL A 146 -5.75 -9.38 4.44
C VAL A 146 -6.90 -10.07 3.66
N THR A 147 -8.15 -9.90 4.09
CA THR A 147 -9.29 -10.52 3.38
C THR A 147 -9.99 -9.55 2.44
N ASP A 148 -9.92 -8.29 2.79
CA ASP A 148 -10.69 -7.25 2.10
C ASP A 148 -10.04 -6.82 0.78
N LEU A 149 -8.76 -7.14 0.59
CA LEU A 149 -7.99 -6.54 -0.53
C LEU A 149 -7.54 -7.46 -1.68
N PRO A 150 -7.07 -8.68 -1.38
CA PRO A 150 -6.68 -9.57 -2.48
C PRO A 150 -7.74 -9.86 -3.55
N PRO A 151 -9.01 -10.13 -3.15
CA PRO A 151 -10.06 -10.45 -4.14
C PRO A 151 -10.37 -9.24 -5.01
N LEU A 152 -10.33 -8.06 -4.39
CA LEU A 152 -10.53 -6.82 -5.12
C LEU A 152 -9.48 -6.72 -6.22
N PHE A 153 -8.22 -6.99 -5.89
CA PHE A 153 -7.15 -6.85 -6.87
C PHE A 153 -7.30 -7.96 -7.92
N GLU A 154 -7.58 -9.17 -7.47
CA GLU A 154 -7.73 -10.30 -8.38
C GLU A 154 -8.82 -10.03 -9.42
N SER A 155 -9.95 -9.50 -8.99
CA SER A 155 -11.08 -9.34 -9.91
C SER A 155 -10.78 -8.26 -10.94
N PHE A 156 -9.99 -7.26 -10.55
CA PHE A 156 -9.55 -6.27 -11.51
C PHE A 156 -8.61 -6.89 -12.56
N TYR A 157 -7.66 -7.71 -12.13
CA TYR A 157 -6.68 -8.30 -13.04
C TYR A 157 -7.34 -9.30 -13.97
N ALA A 158 -8.44 -9.91 -13.52
CA ALA A 158 -9.06 -10.97 -14.29
C ALA A 158 -9.96 -10.44 -15.40
N SER A 159 -10.32 -9.16 -15.34
CA SER A 159 -11.32 -8.61 -16.27
C SER A 159 -10.85 -7.52 -17.24
N GLU A 160 -10.89 -7.82 -18.54
CA GLU A 160 -10.55 -6.81 -19.53
C GLU A 160 -11.54 -5.66 -19.53
N ASP A 161 -12.79 -5.92 -19.17
CA ASP A 161 -13.76 -4.85 -19.05
C ASP A 161 -13.37 -3.82 -17.97
N LYS A 162 -12.99 -4.35 -16.82
CA LYS A 162 -12.65 -3.47 -15.69
C LYS A 162 -11.39 -2.69 -16.07
N ARG A 163 -10.50 -3.39 -16.78
CA ARG A 163 -9.20 -2.87 -17.17
C ARG A 163 -9.19 -1.96 -18.40
N ARG A 164 -10.37 -1.70 -18.98
CA ARG A 164 -10.47 -0.94 -20.23
C ARG A 164 -10.65 0.55 -19.97
N CYS A 165 -9.69 1.36 -20.45
CA CYS A 165 -9.80 2.81 -20.30
C CYS A 165 -11.02 3.32 -21.07
N PRO A 166 -11.88 4.10 -20.38
CA PRO A 166 -13.12 4.60 -20.96
C PRO A 166 -12.87 5.75 -21.90
N HIS A 167 -11.67 6.30 -21.86
CA HIS A 167 -11.33 7.49 -22.62
C HIS A 167 -10.57 7.16 -23.90
N CYS A 168 -9.77 6.10 -23.87
CA CYS A 168 -8.90 5.78 -25.00
C CYS A 168 -8.95 4.30 -25.39
N GLY A 169 -9.77 3.53 -24.68
CA GLY A 169 -9.92 2.10 -24.93
C GLY A 169 -8.73 1.19 -24.69
N GLN A 170 -7.56 1.75 -24.43
CA GLN A 170 -6.40 0.94 -24.08
C GLN A 170 -6.76 0.09 -22.85
N VAL A 171 -6.38 -1.19 -22.88
CA VAL A 171 -6.60 -2.11 -21.77
C VAL A 171 -5.36 -2.17 -20.85
N HIS A 172 -5.58 -1.79 -19.59
CA HIS A 172 -4.53 -1.79 -18.57
C HIS A 172 -3.90 -3.20 -18.44
N PRO A 173 -2.57 -3.28 -18.25
CA PRO A 173 -1.84 -4.55 -18.12
C PRO A 173 -2.27 -5.46 -16.98
N GLY A 174 -2.89 -4.85 -15.99
CA GLY A 174 -3.43 -5.56 -14.86
C GLY A 174 -2.47 -5.59 -13.69
N ARG A 175 -1.79 -6.73 -13.51
CA ARG A 175 -0.94 -6.97 -12.34
C ARG A 175 0.44 -6.32 -12.47
N ALA A 176 1.00 -6.32 -13.68
CA ALA A 176 2.32 -5.75 -13.91
C ALA A 176 2.56 -5.30 -15.35
N ALA A 177 3.03 -4.06 -15.49
CA ALA A 177 3.35 -3.47 -16.79
C ALA A 177 4.64 -4.05 -17.39
FE FE2 B . -1.95 3.58 1.48
FE FE2 C . -6.48 5.66 -21.69
O3 1UC D . -0.58 2.37 0.55
C6 1UC D . -0.50 1.19 0.98
O4 1UC D . -0.72 0.20 0.26
C2 1UC D . -0.25 0.95 2.51
C 1UC D . -1.41 0.08 2.94
C1 1UC D . -2.39 1.10 2.50
O1 1UC D . -3.49 0.70 2.06
O 1UC D . -1.89 2.26 2.49
N 1UC D . -1.48 -0.12 4.40
C3 1UC D . 1.05 0.23 2.82
C4 1UC D . 2.07 0.72 1.84
C5 1UC D . 3.41 0.10 2.00
O2 1UC D . 4.26 0.45 1.24
#